data_4OZN
#
_entry.id   4OZN
#
_cell.length_a   110.717
_cell.length_b   110.717
_cell.length_c   76.949
_cell.angle_alpha   90.00
_cell.angle_beta   90.00
_cell.angle_gamma   120.00
#
_symmetry.space_group_name_H-M   'P 31 2 1'
#
loop_
_entity.id
_entity.type
_entity.pdbx_description
1 polymer 'Nitrogen regulatory protein P-II'
2 non-polymer "ADENOSINE-5'-TRIPHOSPHATE"
3 non-polymer 'SULFATE ION'
4 water water
#
_entity_poly.entity_id   1
_entity_poly.type   'polypeptide(L)'
_entity_poly.pdbx_seq_one_letter_code
;MGSSHHHHHHSSGLVPAGSHMSDADLPNDGGIKLVMAIIRPDKLADVKTALAEVGAPSLTVTNVSGRGSQPAKKSQWRGE
EYTVDLHQKVKVECVVADTPAEDVADAIADAAHTGEKGDGKIFILPVENAIQVRTGKTGRDAV
;
_entity_poly.pdbx_strand_id   A,B,C
#
loop_
_chem_comp.id
_chem_comp.type
_chem_comp.name
_chem_comp.formula
ATP non-polymer ADENOSINE-5'-TRIPHOSPHATE 'C10 H16 N5 O13 P3'
SO4 non-polymer 'SULFATE ION' 'O4 S -2'
#
# COMPACT_ATOMS: atom_id res chain seq x y z
N ASP A 25 12.39 13.32 -22.91
CA ASP A 25 11.13 13.85 -22.31
C ASP A 25 10.42 12.77 -21.49
N LEU A 26 10.66 12.80 -20.20
CA LEU A 26 10.39 11.64 -19.36
C LEU A 26 8.93 11.51 -18.95
N PRO A 27 8.38 10.29 -19.00
CA PRO A 27 7.02 10.02 -18.54
C PRO A 27 6.86 10.27 -17.03
N ASN A 28 5.61 10.33 -16.57
CA ASN A 28 5.30 10.61 -15.17
C ASN A 28 5.97 11.91 -14.68
N ASP A 29 5.97 12.92 -15.55
CA ASP A 29 6.68 14.18 -15.33
C ASP A 29 8.06 14.00 -14.71
N GLY A 30 8.83 13.04 -15.23
CA GLY A 30 10.20 12.79 -14.77
C GLY A 30 10.30 12.14 -13.39
N GLY A 31 9.17 11.66 -12.88
CA GLY A 31 9.11 11.11 -11.54
C GLY A 31 8.66 9.66 -11.47
N ILE A 32 8.27 9.25 -10.27
CA ILE A 32 7.98 7.86 -9.94
C ILE A 32 6.56 7.75 -9.39
N LYS A 33 5.84 6.70 -9.78
CA LYS A 33 4.46 6.49 -9.31
C LYS A 33 4.23 5.04 -8.92
N LEU A 34 3.36 4.85 -7.94
CA LEU A 34 2.93 3.51 -7.54
C LEU A 34 1.54 3.27 -8.11
N VAL A 35 1.41 2.22 -8.91
CA VAL A 35 0.12 1.81 -9.42
C VAL A 35 -0.34 0.64 -8.56
N MET A 36 -1.46 0.85 -7.86
CA MET A 36 -2.01 -0.16 -6.97
C MET A 36 -3.37 -0.60 -7.49
N ALA A 37 -3.49 -1.89 -7.77
CA ALA A 37 -4.71 -2.44 -8.30
C ALA A 37 -5.26 -3.52 -7.38
N ILE A 38 -6.56 -3.46 -7.12
CA ILE A 38 -7.25 -4.53 -6.40
C ILE A 38 -8.11 -5.22 -7.44
N ILE A 39 -7.81 -6.48 -7.71
CA ILE A 39 -8.45 -7.20 -8.80
C ILE A 39 -8.96 -8.59 -8.38
N ARG A 40 -9.68 -9.24 -9.30
CA ARG A 40 -10.11 -10.62 -9.08
C ARG A 40 -8.89 -11.54 -9.09
N PRO A 41 -8.82 -12.47 -8.13
CA PRO A 41 -7.72 -13.44 -8.09
C PRO A 41 -7.50 -14.17 -9.43
N ASP A 42 -8.59 -14.52 -10.12
CA ASP A 42 -8.48 -15.27 -11.38
C ASP A 42 -8.06 -14.41 -12.58
N LYS A 43 -7.89 -13.11 -12.35
CA LYS A 43 -7.43 -12.19 -13.39
C LYS A 43 -5.94 -11.87 -13.28
N LEU A 44 -5.26 -12.48 -12.31
CA LEU A 44 -3.84 -12.21 -12.09
C LEU A 44 -2.97 -12.59 -13.29
N ALA A 45 -3.19 -13.78 -13.84
CA ALA A 45 -2.43 -14.27 -14.98
C ALA A 45 -2.49 -13.29 -16.15
N ASP A 46 -3.71 -12.86 -16.49
CA ASP A 46 -3.95 -11.90 -17.57
C ASP A 46 -3.22 -10.58 -17.35
N VAL A 47 -3.35 -10.06 -16.13
CA VAL A 47 -2.71 -8.82 -15.72
C VAL A 47 -1.18 -8.91 -15.84
N LYS A 48 -0.61 -10.03 -15.41
CA LYS A 48 0.83 -10.28 -15.57
C LYS A 48 1.28 -10.20 -17.02
N THR A 49 0.54 -10.85 -17.91
CA THR A 49 0.81 -10.80 -19.36
C THR A 49 0.72 -9.36 -19.88
N ALA A 50 -0.35 -8.66 -19.50
CA ALA A 50 -0.58 -7.29 -19.95
C ALA A 50 0.54 -6.35 -19.51
N LEU A 51 1.06 -6.56 -18.31
CA LEU A 51 2.16 -5.78 -17.78
C LEU A 51 3.45 -6.00 -18.56
N ALA A 52 3.69 -7.26 -18.93
CA ALA A 52 4.86 -7.62 -19.75
C ALA A 52 4.76 -6.96 -21.11
N GLU A 53 3.56 -7.02 -21.71
CA GLU A 53 3.32 -6.48 -23.05
C GLU A 53 3.43 -4.97 -23.15
N VAL A 54 3.09 -4.28 -22.07
CA VAL A 54 3.13 -2.82 -22.03
C VAL A 54 4.55 -2.33 -21.73
N GLY A 55 5.46 -3.25 -21.40
CA GLY A 55 6.86 -2.92 -21.15
C GLY A 55 7.23 -2.61 -19.71
N ALA A 56 6.31 -2.84 -18.78
CA ALA A 56 6.57 -2.67 -17.35
C ALA A 56 6.13 -3.92 -16.57
N PRO A 57 6.92 -5.01 -16.66
CA PRO A 57 6.50 -6.30 -16.10
C PRO A 57 6.61 -6.42 -14.57
N SER A 58 7.35 -5.51 -13.94
CA SER A 58 7.57 -5.58 -12.48
C SER A 58 6.28 -5.43 -11.69
N LEU A 59 6.06 -6.33 -10.73
CA LEU A 59 4.88 -6.27 -9.88
C LEU A 59 5.11 -6.97 -8.53
N THR A 60 4.34 -6.55 -7.53
CA THR A 60 4.31 -7.22 -6.24
C THR A 60 2.85 -7.54 -5.91
N VAL A 61 2.61 -8.81 -5.57
CA VAL A 61 1.25 -9.32 -5.38
C VAL A 61 1.00 -9.70 -3.92
N THR A 62 -0.17 -9.29 -3.41
CA THR A 62 -0.62 -9.66 -2.08
C THR A 62 -2.03 -10.25 -2.15
N ASN A 63 -2.26 -11.34 -1.42
CA ASN A 63 -3.59 -11.86 -1.21
C ASN A 63 -4.33 -11.00 -0.18
N VAL A 64 -5.48 -10.49 -0.59
CA VAL A 64 -6.25 -9.57 0.24
C VAL A 64 -7.73 -9.92 0.20
N SER A 65 -8.52 -9.22 1.01
CA SER A 65 -9.96 -9.33 0.97
C SER A 65 -10.56 -7.94 1.19
N GLY A 66 -11.77 -7.72 0.68
CA GLY A 66 -12.43 -6.45 0.86
C GLY A 66 -13.88 -6.41 0.40
N ARG A 67 -14.42 -5.20 0.34
CA ARG A 67 -15.75 -4.94 -0.19
C ARG A 67 -15.76 -3.54 -0.82
N GLY A 68 -16.69 -3.32 -1.74
CA GLY A 68 -16.84 -2.03 -2.41
C GLY A 68 -17.92 -1.18 -1.77
N SER A 69 -18.66 -0.46 -2.62
CA SER A 69 -19.77 0.38 -2.18
C SER A 69 -20.95 -0.45 -1.66
N GLN A 70 -21.79 0.19 -0.85
CA GLN A 70 -22.96 -0.48 -0.29
C GLN A 70 -24.14 -0.47 -1.28
N LYS A 74 -30.87 -4.41 -0.56
CA LYS A 74 -32.31 -4.28 -0.28
C LYS A 74 -32.74 -5.15 0.89
N SER A 75 -32.48 -6.46 0.79
CA SER A 75 -32.86 -7.42 1.83
C SER A 75 -31.93 -7.37 3.04
N GLN A 76 -32.45 -7.77 4.20
CA GLN A 76 -31.69 -7.77 5.45
C GLN A 76 -30.60 -8.83 5.52
N TRP A 77 -30.77 -9.92 4.76
CA TRP A 77 -29.76 -10.98 4.68
C TRP A 77 -28.55 -10.57 3.82
N ARG A 78 -28.82 -9.94 2.67
CA ARG A 78 -27.76 -9.43 1.80
C ARG A 78 -27.09 -8.19 2.40
N GLY A 79 -27.81 -7.52 3.30
CA GLY A 79 -27.27 -6.42 4.10
C GLY A 79 -26.41 -6.91 5.24
N GLU A 80 -26.80 -8.05 5.81
CA GLU A 80 -26.01 -8.74 6.85
C GLU A 80 -24.75 -9.37 6.26
N GLU A 81 -24.89 -10.01 5.09
CA GLU A 81 -23.76 -10.60 4.38
C GLU A 81 -22.71 -9.57 3.97
N TYR A 82 -23.15 -8.33 3.74
CA TYR A 82 -22.26 -7.24 3.43
C TYR A 82 -21.39 -6.86 4.64
N THR A 83 -22.04 -6.70 5.80
CA THR A 83 -21.38 -6.21 7.02
C THR A 83 -20.47 -7.24 7.73
N VAL A 84 -20.50 -8.49 7.25
CA VAL A 84 -19.66 -9.55 7.84
C VAL A 84 -18.71 -10.18 6.81
N ASP A 85 -19.12 -10.19 5.55
CA ASP A 85 -18.37 -10.92 4.52
C ASP A 85 -17.49 -10.04 3.63
N LEU A 86 -16.24 -10.48 3.55
CA LEU A 86 -15.22 -9.89 2.70
C LEU A 86 -14.88 -10.89 1.59
N HIS A 87 -14.66 -10.37 0.39
CA HIS A 87 -14.38 -11.21 -0.78
C HIS A 87 -12.89 -11.26 -1.08
N GLN A 88 -12.40 -12.43 -1.43
CA GLN A 88 -10.98 -12.62 -1.73
C GLN A 88 -10.58 -11.87 -2.99
N LYS A 89 -9.52 -11.07 -2.87
CA LYS A 89 -9.00 -10.30 -4.00
C LYS A 89 -7.48 -10.39 -4.04
N VAL A 90 -6.90 -9.86 -5.11
CA VAL A 90 -5.47 -9.76 -5.26
C VAL A 90 -5.09 -8.28 -5.39
N LYS A 91 -4.10 -7.86 -4.60
CA LYS A 91 -3.54 -6.51 -4.73
C LYS A 91 -2.26 -6.57 -5.56
N VAL A 92 -2.28 -5.87 -6.70
CA VAL A 92 -1.11 -5.78 -7.58
C VAL A 92 -0.49 -4.39 -7.46
N GLU A 93 0.80 -4.35 -7.16
CA GLU A 93 1.53 -3.09 -7.06
C GLU A 93 2.67 -3.00 -8.06
N CYS A 94 2.65 -1.93 -8.86
CA CYS A 94 3.70 -1.65 -9.84
C CYS A 94 4.22 -0.24 -9.65
N VAL A 95 5.52 -0.15 -9.38
CA VAL A 95 6.17 1.14 -9.28
C VAL A 95 6.80 1.44 -10.63
N VAL A 96 6.45 2.60 -11.18
CA VAL A 96 6.81 2.93 -12.56
C VAL A 96 7.55 4.26 -12.67
N ALA A 97 8.37 4.37 -13.72
CA ALA A 97 9.06 5.60 -14.06
C ALA A 97 9.13 5.77 -15.58
N ASP A 98 9.67 4.76 -16.28
CA ASP A 98 9.85 4.80 -17.73
C ASP A 98 8.54 4.66 -18.51
N THR A 99 7.55 4.04 -17.88
CA THR A 99 6.24 3.86 -18.48
C THR A 99 5.25 4.78 -17.77
N PRO A 100 4.42 5.51 -18.53
CA PRO A 100 3.39 6.37 -17.95
C PRO A 100 2.46 5.57 -17.05
N ALA A 101 2.28 6.05 -15.82
CA ALA A 101 1.45 5.38 -14.81
C ALA A 101 0.06 5.02 -15.34
N GLU A 102 -0.53 5.95 -16.10
CA GLU A 102 -1.84 5.74 -16.72
C GLU A 102 -1.89 4.59 -17.72
N ASP A 103 -0.80 4.40 -18.46
CA ASP A 103 -0.70 3.31 -19.42
C ASP A 103 -0.61 1.95 -18.73
N VAL A 104 0.10 1.93 -17.59
CA VAL A 104 0.22 0.72 -16.78
C VAL A 104 -1.15 0.41 -16.18
N ALA A 105 -1.79 1.44 -15.62
CA ALA A 105 -3.12 1.29 -15.04
C ALA A 105 -4.14 0.83 -16.10
N ASP A 106 -4.09 1.42 -17.29
CA ASP A 106 -5.00 1.03 -18.37
C ASP A 106 -4.78 -0.41 -18.83
N ALA A 107 -3.53 -0.86 -18.81
CA ALA A 107 -3.17 -2.22 -19.14
C ALA A 107 -3.75 -3.21 -18.13
N ILE A 108 -3.65 -2.85 -16.85
CA ILE A 108 -4.23 -3.68 -15.78
C ILE A 108 -5.75 -3.67 -15.88
N ALA A 109 -6.34 -2.47 -16.00
CA ALA A 109 -7.79 -2.32 -16.08
C ALA A 109 -8.38 -3.18 -17.20
N ASP A 110 -7.82 -3.07 -18.41
CA ASP A 110 -8.27 -3.82 -19.58
C ASP A 110 -8.23 -5.32 -19.32
N ALA A 111 -7.13 -5.80 -18.76
CA ALA A 111 -6.94 -7.22 -18.52
C ALA A 111 -7.80 -7.76 -17.38
N ALA A 112 -8.12 -6.89 -16.42
CA ALA A 112 -8.90 -7.29 -15.23
C ALA A 112 -10.40 -7.09 -15.41
N HIS A 113 -10.80 -6.45 -16.50
CA HIS A 113 -12.19 -6.09 -16.76
C HIS A 113 -13.06 -7.32 -17.10
N THR A 114 -14.25 -7.37 -16.50
CA THR A 114 -15.28 -8.35 -16.88
C THR A 114 -16.61 -7.65 -17.15
N GLY A 115 -16.80 -6.49 -16.51
CA GLY A 115 -18.04 -5.73 -16.63
C GLY A 115 -19.03 -5.98 -15.52
N GLU A 116 -18.63 -6.77 -14.53
CA GLU A 116 -19.48 -7.13 -13.40
C GLU A 116 -18.93 -6.55 -12.10
N LYS A 117 -19.82 -6.34 -11.12
CA LYS A 117 -19.43 -5.89 -9.78
C LYS A 117 -18.39 -6.82 -9.16
N GLY A 118 -17.31 -6.24 -8.64
CA GLY A 118 -16.20 -6.99 -8.08
C GLY A 118 -14.91 -6.87 -8.88
N ASP A 119 -14.97 -6.17 -10.01
CA ASP A 119 -13.80 -5.96 -10.89
C ASP A 119 -12.66 -5.18 -10.23
N GLY A 120 -12.98 -4.43 -9.19
CA GLY A 120 -11.96 -3.74 -8.41
C GLY A 120 -11.62 -2.36 -8.90
N LYS A 121 -10.52 -1.82 -8.39
CA LYS A 121 -10.12 -0.45 -8.69
C LYS A 121 -8.61 -0.31 -8.77
N ILE A 122 -8.18 0.75 -9.45
CA ILE A 122 -6.75 1.03 -9.58
C ILE A 122 -6.48 2.42 -9.06
N PHE A 123 -5.46 2.54 -8.21
CA PHE A 123 -5.08 3.83 -7.63
C PHE A 123 -3.63 4.13 -7.95
N ILE A 124 -3.36 5.40 -8.26
CA ILE A 124 -2.01 5.85 -8.57
C ILE A 124 -1.53 6.83 -7.49
N LEU A 125 -0.46 6.45 -6.80
CA LEU A 125 0.08 7.24 -5.70
C LEU A 125 1.46 7.80 -6.06
N PRO A 126 1.78 9.01 -5.58
CA PRO A 126 3.12 9.56 -5.86
C PRO A 126 4.20 8.82 -5.08
N VAL A 127 5.37 8.67 -5.70
CA VAL A 127 6.54 8.09 -5.05
C VAL A 127 7.68 9.10 -5.16
N GLU A 128 8.30 9.43 -4.03
CA GLU A 128 9.34 10.46 -3.97
C GLU A 128 10.67 9.95 -4.44
N ASN A 129 10.97 8.70 -4.08
CA ASN A 129 12.31 8.16 -4.20
C ASN A 129 12.27 6.63 -4.20
N ALA A 130 13.33 6.03 -4.73
CA ALA A 130 13.45 4.58 -4.84
C ALA A 130 14.91 4.20 -4.75
N ILE A 131 15.18 3.02 -4.18
CA ILE A 131 16.52 2.51 -4.06
C ILE A 131 16.55 1.09 -4.58
N GLN A 132 17.48 0.79 -5.48
CA GLN A 132 17.69 -0.57 -5.94
C GLN A 132 18.66 -1.20 -4.96
N VAL A 133 18.18 -2.19 -4.22
CA VAL A 133 18.96 -2.83 -3.14
C VAL A 133 20.25 -3.48 -3.63
N ARG A 134 20.21 -4.08 -4.81
CA ARG A 134 21.35 -4.79 -5.38
C ARG A 134 22.55 -3.89 -5.71
N THR A 135 22.28 -2.72 -6.28
CA THR A 135 23.33 -1.85 -6.79
C THR A 135 23.57 -0.63 -5.92
N GLY A 136 22.54 -0.22 -5.19
CA GLY A 136 22.59 1.01 -4.42
C GLY A 136 22.16 2.23 -5.23
N LYS A 137 21.78 1.99 -6.49
CA LYS A 137 21.28 3.04 -7.37
C LYS A 137 19.97 3.60 -6.81
N THR A 138 19.80 4.92 -6.95
CA THR A 138 18.64 5.62 -6.38
C THR A 138 17.89 6.41 -7.46
N GLY A 139 16.71 6.93 -7.10
CA GLY A 139 15.90 7.75 -8.00
C GLY A 139 15.15 6.93 -9.03
N ARG A 140 14.66 7.59 -10.07
CA ARG A 140 13.91 6.94 -11.15
C ARG A 140 14.67 5.79 -11.84
N ASP A 141 16.00 5.87 -11.81
CA ASP A 141 16.86 4.83 -12.38
C ASP A 141 16.78 3.50 -11.63
N ALA A 142 16.44 3.56 -10.35
CA ALA A 142 16.31 2.37 -9.51
C ALA A 142 15.02 1.60 -9.81
N VAL A 143 14.04 2.28 -10.37
CA VAL A 143 12.79 1.64 -10.77
C VAL A 143 13.02 0.82 -12.04
N ASP B 25 -18.29 22.14 -3.20
CA ASP B 25 -17.11 22.30 -2.30
C ASP B 25 -16.65 20.93 -1.77
N LEU B 26 -15.74 20.31 -2.51
CA LEU B 26 -15.43 18.89 -2.36
C LEU B 26 -14.44 18.60 -1.22
N PRO B 27 -14.69 17.51 -0.46
CA PRO B 27 -13.77 17.08 0.60
C PRO B 27 -12.41 16.66 0.05
N ASN B 28 -11.42 16.56 0.93
CA ASN B 28 -10.05 16.19 0.54
C ASN B 28 -9.52 17.14 -0.55
N ASP B 29 -9.82 18.42 -0.37
CA ASP B 29 -9.50 19.47 -1.35
C ASP B 29 -9.73 19.03 -2.82
N GLY B 30 -10.88 18.39 -3.06
CA GLY B 30 -11.25 17.95 -4.41
C GLY B 30 -10.47 16.74 -4.91
N GLY B 31 -9.66 16.14 -4.04
CA GLY B 31 -8.79 15.03 -4.43
C GLY B 31 -9.07 13.70 -3.75
N ILE B 32 -8.08 12.82 -3.83
CA ILE B 32 -8.21 11.43 -3.41
C ILE B 32 -7.14 11.10 -2.37
N LYS B 33 -7.52 10.38 -1.32
CA LYS B 33 -6.56 9.97 -0.29
C LYS B 33 -6.68 8.50 0.04
N LEU B 34 -5.55 7.90 0.41
CA LEU B 34 -5.53 6.53 0.91
C LEU B 34 -5.41 6.58 2.42
N VAL B 35 -6.36 5.96 3.11
CA VAL B 35 -6.30 5.82 4.55
C VAL B 35 -5.83 4.40 4.83
N MET B 36 -4.66 4.30 5.46
CA MET B 36 -4.07 3.02 5.80
C MET B 36 -4.00 2.86 7.30
N ALA B 37 -4.65 1.83 7.82
CA ALA B 37 -4.69 1.59 9.26
C ALA B 37 -4.11 0.22 9.59
N ILE B 38 -3.25 0.17 10.60
CA ILE B 38 -2.76 -1.09 11.13
C ILE B 38 -3.42 -1.27 12.49
N ILE B 39 -4.26 -2.29 12.60
CA ILE B 39 -5.10 -2.46 13.78
C ILE B 39 -5.06 -3.89 14.33
N ARG B 40 -5.67 -4.08 15.49
CA ARG B 40 -5.81 -5.39 16.10
C ARG B 40 -6.76 -6.24 15.25
N PRO B 41 -6.37 -7.49 14.96
CA PRO B 41 -7.24 -8.39 14.19
C PRO B 41 -8.68 -8.46 14.73
N ASP B 42 -8.83 -8.49 16.06
CA ASP B 42 -10.16 -8.60 16.67
C ASP B 42 -11.00 -7.31 16.63
N LYS B 43 -10.41 -6.24 16.10
CA LYS B 43 -11.13 -4.97 15.95
C LYS B 43 -11.63 -4.74 14.52
N LEU B 44 -11.40 -5.71 13.63
CA LEU B 44 -11.81 -5.57 12.23
C LEU B 44 -13.32 -5.40 12.07
N ALA B 45 -14.09 -6.24 12.75
CA ALA B 45 -15.56 -6.20 12.68
C ALA B 45 -16.09 -4.81 13.03
N ASP B 46 -15.61 -4.26 14.15
CA ASP B 46 -16.01 -2.92 14.60
C ASP B 46 -15.66 -1.85 13.57
N VAL B 47 -14.44 -1.92 13.05
CA VAL B 47 -13.95 -0.98 12.05
C VAL B 47 -14.83 -1.03 10.79
N LYS B 48 -15.20 -2.23 10.37
CA LYS B 48 -16.08 -2.41 9.21
C LYS B 48 -17.43 -1.70 9.40
N THR B 49 -18.01 -1.88 10.58
CA THR B 49 -19.27 -1.22 10.94
C THR B 49 -19.11 0.30 10.95
N ALA B 50 -18.02 0.79 11.57
CA ALA B 50 -17.75 2.22 11.67
C ALA B 50 -17.59 2.88 10.29
N LEU B 51 -16.95 2.16 9.36
CA LEU B 51 -16.76 2.63 7.99
C LEU B 51 -18.09 2.74 7.25
N ALA B 52 -18.96 1.75 7.46
CA ALA B 52 -20.30 1.77 6.87
C ALA B 52 -21.09 2.96 7.40
N GLU B 53 -21.00 3.21 8.70
CA GLU B 53 -21.78 4.26 9.37
C GLU B 53 -21.31 5.66 9.01
N VAL B 54 -20.03 5.79 8.68
CA VAL B 54 -19.46 7.08 8.29
C VAL B 54 -19.72 7.40 6.81
N GLY B 55 -20.24 6.43 6.08
CA GLY B 55 -20.60 6.60 4.66
C GLY B 55 -19.50 6.25 3.68
N ALA B 56 -18.43 5.63 4.15
CA ALA B 56 -17.35 5.14 3.29
C ALA B 56 -16.99 3.68 3.61
N PRO B 57 -17.86 2.74 3.18
CA PRO B 57 -17.71 1.34 3.61
C PRO B 57 -16.61 0.56 2.88
N SER B 58 -16.14 1.06 1.74
CA SER B 58 -15.12 0.38 0.95
C SER B 58 -13.80 0.21 1.72
N LEU B 59 -13.27 -1.01 1.71
CA LEU B 59 -12.00 -1.32 2.35
C LEU B 59 -11.30 -2.53 1.73
N THR B 60 -9.98 -2.59 1.88
CA THR B 60 -9.18 -3.74 1.50
C THR B 60 -8.33 -4.15 2.70
N VAL B 61 -8.41 -5.44 3.05
CA VAL B 61 -7.81 -5.97 4.26
C VAL B 61 -6.65 -6.91 3.94
N THR B 62 -5.56 -6.76 4.68
CA THR B 62 -4.41 -7.66 4.58
C THR B 62 -4.02 -8.15 5.97
N ASN B 63 -3.75 -9.45 6.07
CA ASN B 63 -3.13 -9.99 7.27
C ASN B 63 -1.66 -9.64 7.28
N VAL B 64 -1.23 -8.99 8.36
CA VAL B 64 0.15 -8.53 8.49
C VAL B 64 0.69 -8.83 9.88
N SER B 65 1.97 -8.55 10.07
CA SER B 65 2.59 -8.61 11.39
C SER B 65 3.54 -7.45 11.53
N GLY B 66 3.80 -7.04 12.78
CA GLY B 66 4.77 -5.97 13.02
C GLY B 66 5.10 -5.70 14.47
N ARG B 67 5.71 -4.55 14.71
CA ARG B 67 6.06 -4.06 16.05
C ARG B 67 6.09 -2.53 16.01
N GLY B 68 5.90 -1.91 17.18
CA GLY B 68 5.96 -0.46 17.32
C GLY B 68 7.31 -0.01 17.85
N SER B 69 7.28 0.83 18.89
CA SER B 69 8.50 1.40 19.49
C SER B 69 9.23 0.42 20.42
N ASP B 85 10.39 -10.45 16.79
CA ASP B 85 9.23 -10.81 17.60
C ASP B 85 8.02 -10.00 17.14
N LEU B 86 7.35 -10.50 16.10
CA LEU B 86 6.31 -9.76 15.40
C LEU B 86 4.90 -10.19 15.81
N HIS B 87 4.03 -9.22 16.02
CA HIS B 87 2.65 -9.49 16.45
C HIS B 87 1.70 -9.41 15.26
N GLN B 88 0.74 -10.34 15.22
CA GLN B 88 -0.26 -10.40 14.15
C GLN B 88 -1.16 -9.17 14.18
N LYS B 89 -1.26 -8.49 13.03
CA LYS B 89 -2.12 -7.33 12.87
C LYS B 89 -2.92 -7.40 11.58
N VAL B 90 -3.83 -6.46 11.41
CA VAL B 90 -4.60 -6.33 10.18
C VAL B 90 -4.36 -4.93 9.59
N LYS B 91 -4.02 -4.90 8.31
CA LYS B 91 -3.91 -3.64 7.57
C LYS B 91 -5.21 -3.36 6.81
N VAL B 92 -5.85 -2.25 7.16
CA VAL B 92 -7.08 -1.81 6.52
C VAL B 92 -6.77 -0.63 5.62
N GLU B 93 -7.16 -0.73 4.35
CA GLU B 93 -6.94 0.35 3.39
C GLU B 93 -8.24 0.86 2.81
N CYS B 94 -8.45 2.17 2.91
CA CYS B 94 -9.64 2.82 2.36
C CYS B 94 -9.21 4.00 1.51
N VAL B 95 -9.57 3.96 0.24
CA VAL B 95 -9.35 5.08 -0.65
C VAL B 95 -10.62 5.92 -0.69
N VAL B 96 -10.48 7.20 -0.39
CA VAL B 96 -11.63 8.07 -0.19
C VAL B 96 -11.57 9.33 -1.08
N ALA B 97 -12.75 9.85 -1.40
CA ALA B 97 -12.88 11.11 -2.12
C ALA B 97 -14.05 11.91 -1.57
N ASP B 98 -15.23 11.29 -1.53
CA ASP B 98 -16.47 11.95 -1.07
C ASP B 98 -16.52 12.18 0.43
N THR B 99 -15.75 11.36 1.16
CA THR B 99 -15.68 11.48 2.61
C THR B 99 -14.31 12.02 2.98
N PRO B 100 -14.26 13.04 3.86
CA PRO B 100 -12.99 13.57 4.35
C PRO B 100 -12.12 12.47 4.96
N ALA B 101 -10.88 12.35 4.48
CA ALA B 101 -9.95 11.33 4.94
C ALA B 101 -9.84 11.27 6.47
N GLU B 102 -9.86 12.43 7.11
CA GLU B 102 -9.76 12.51 8.57
C GLU B 102 -10.96 11.89 9.28
N ASP B 103 -12.14 12.03 8.69
CA ASP B 103 -13.35 11.45 9.25
C ASP B 103 -13.34 9.93 9.15
N VAL B 104 -12.81 9.41 8.05
CA VAL B 104 -12.64 7.97 7.85
C VAL B 104 -11.62 7.44 8.85
N ALA B 105 -10.49 8.14 8.95
CA ALA B 105 -9.45 7.79 9.92
C ALA B 105 -9.97 7.84 11.35
N ASP B 106 -10.73 8.86 11.70
CA ASP B 106 -11.29 9.00 13.05
C ASP B 106 -12.28 7.89 13.36
N ALA B 107 -13.04 7.46 12.34
CA ALA B 107 -13.99 6.37 12.48
C ALA B 107 -13.27 5.06 12.78
N ILE B 108 -12.17 4.81 12.07
CA ILE B 108 -11.34 3.63 12.30
C ILE B 108 -10.69 3.71 13.69
N ALA B 109 -10.05 4.84 13.98
CA ALA B 109 -9.38 5.04 15.28
C ALA B 109 -10.30 4.76 16.46
N ASP B 110 -11.49 5.36 16.44
CA ASP B 110 -12.50 5.17 17.49
C ASP B 110 -12.86 3.71 17.68
N ALA B 111 -13.12 3.03 16.56
CA ALA B 111 -13.55 1.63 16.60
C ALA B 111 -12.42 0.68 16.98
N ALA B 112 -11.18 1.06 16.67
CA ALA B 112 -10.02 0.22 16.93
C ALA B 112 -9.36 0.49 18.29
N HIS B 113 -9.80 1.55 18.95
CA HIS B 113 -9.23 1.98 20.22
C HIS B 113 -9.55 1.03 21.38
N THR B 114 -8.52 0.74 22.19
CA THR B 114 -8.69 0.03 23.47
C THR B 114 -8.00 0.79 24.60
N GLY B 115 -6.97 1.56 24.26
CA GLY B 115 -6.19 2.33 25.23
C GLY B 115 -4.92 1.63 25.69
N GLU B 116 -4.62 0.49 25.07
CA GLU B 116 -3.45 -0.31 25.43
C GLU B 116 -2.46 -0.38 24.27
N LYS B 117 -1.19 -0.62 24.59
CA LYS B 117 -0.13 -0.77 23.59
C LYS B 117 -0.48 -1.89 22.60
N GLY B 118 -0.38 -1.57 21.30
CA GLY B 118 -0.74 -2.52 20.25
C GLY B 118 -1.94 -2.09 19.44
N ASP B 119 -2.56 -0.97 19.83
CA ASP B 119 -3.74 -0.42 19.13
C ASP B 119 -3.47 -0.03 17.67
N GLY B 120 -2.20 0.22 17.32
CA GLY B 120 -1.83 0.51 15.95
C GLY B 120 -1.84 1.97 15.56
N LYS B 121 -1.76 2.22 14.26
CA LYS B 121 -1.68 3.59 13.75
C LYS B 121 -2.43 3.73 12.43
N ILE B 122 -2.81 4.97 12.12
CA ILE B 122 -3.47 5.27 10.87
C ILE B 122 -2.66 6.32 10.11
N PHE B 123 -2.43 6.05 8.82
CA PHE B 123 -1.67 6.96 7.97
C PHE B 123 -2.48 7.35 6.77
N ILE B 124 -2.39 8.62 6.39
CA ILE B 124 -3.13 9.13 5.24
C ILE B 124 -2.14 9.56 4.14
N LEU B 125 -2.24 8.92 2.98
CA LEU B 125 -1.33 9.15 1.87
C LEU B 125 -2.07 9.76 0.68
N PRO B 126 -1.41 10.67 -0.06
CA PRO B 126 -2.05 11.25 -1.24
C PRO B 126 -2.24 10.23 -2.35
N VAL B 127 -3.34 10.35 -3.08
CA VAL B 127 -3.59 9.54 -4.27
C VAL B 127 -3.85 10.50 -5.44
N GLU B 128 -3.12 10.29 -6.54
CA GLU B 128 -3.19 11.20 -7.69
C GLU B 128 -4.38 10.94 -8.59
N ASN B 129 -4.70 9.67 -8.78
CA ASN B 129 -5.66 9.26 -9.78
C ASN B 129 -6.19 7.87 -9.42
N ALA B 130 -7.38 7.58 -9.94
CA ALA B 130 -8.05 6.30 -9.75
C ALA B 130 -8.77 5.91 -11.02
N ILE B 131 -8.88 4.61 -11.25
CA ILE B 131 -9.58 4.05 -12.39
C ILE B 131 -10.51 2.96 -11.88
N GLN B 132 -11.77 3.02 -12.32
CA GLN B 132 -12.77 2.01 -11.97
C GLN B 132 -12.69 0.93 -13.04
N VAL B 133 -12.32 -0.30 -12.65
CA VAL B 133 -12.06 -1.37 -13.62
C VAL B 133 -13.29 -1.78 -14.45
N ARG B 134 -14.47 -1.81 -13.82
CA ARG B 134 -15.71 -2.19 -14.50
C ARG B 134 -16.14 -1.19 -15.59
N THR B 135 -16.05 0.11 -15.28
CA THR B 135 -16.56 1.15 -16.19
C THR B 135 -15.49 1.87 -17.01
N GLY B 136 -14.30 2.01 -16.45
CA GLY B 136 -13.25 2.83 -17.07
C GLY B 136 -13.31 4.29 -16.66
N LYS B 137 -14.17 4.62 -15.68
CA LYS B 137 -14.26 5.97 -15.14
C LYS B 137 -13.00 6.33 -14.34
N THR B 138 -12.60 7.59 -14.41
CA THR B 138 -11.34 8.03 -13.81
C THR B 138 -11.54 9.20 -12.84
N GLY B 139 -10.49 9.47 -12.06
CA GLY B 139 -10.51 10.57 -11.10
C GLY B 139 -11.31 10.21 -9.86
N ARG B 140 -11.69 11.24 -9.10
CA ARG B 140 -12.43 11.06 -7.85
C ARG B 140 -13.75 10.30 -8.02
N ASP B 141 -14.34 10.39 -9.21
CA ASP B 141 -15.59 9.70 -9.54
C ASP B 141 -15.44 8.18 -9.58
N ALA B 142 -14.21 7.71 -9.79
CA ALA B 142 -13.92 6.27 -9.81
C ALA B 142 -13.83 5.67 -8.41
N VAL B 143 -13.66 6.53 -7.41
CA VAL B 143 -13.56 6.10 -6.03
C VAL B 143 -14.95 5.88 -5.44
N ALA C 24 14.99 24.61 14.27
CA ALA C 24 14.53 23.27 14.74
C ALA C 24 15.13 22.15 13.88
N ASP C 25 14.98 22.28 12.57
CA ASP C 25 15.58 21.36 11.58
C ASP C 25 15.11 19.90 11.73
N LEU C 26 13.79 19.68 11.71
CA LEU C 26 13.21 18.35 11.74
C LEU C 26 13.52 17.58 10.45
N PRO C 27 13.84 16.27 10.56
CA PRO C 27 14.10 15.43 9.39
C PRO C 27 12.86 15.29 8.51
N ASN C 28 13.04 14.79 7.28
CA ASN C 28 11.94 14.61 6.32
C ASN C 28 11.19 15.92 6.08
N ASP C 29 11.94 17.01 6.01
CA ASP C 29 11.40 18.37 5.95
C ASP C 29 10.19 18.60 6.88
N GLY C 30 10.31 18.16 8.13
CA GLY C 30 9.23 18.33 9.12
C GLY C 30 8.00 17.48 8.88
N GLY C 31 8.08 16.54 7.94
CA GLY C 31 6.94 15.72 7.56
C GLY C 31 7.08 14.23 7.81
N ILE C 32 6.22 13.46 7.15
CA ILE C 32 6.09 12.02 7.38
C ILE C 32 6.29 11.27 6.05
N LYS C 33 7.02 10.15 6.09
CA LYS C 33 7.25 9.35 4.88
C LYS C 33 7.02 7.87 5.15
N LEU C 34 6.58 7.16 4.12
CA LEU C 34 6.44 5.71 4.17
C LEU C 34 7.63 5.11 3.42
N VAL C 35 8.39 4.28 4.12
CA VAL C 35 9.44 3.51 3.48
C VAL C 35 8.90 2.10 3.23
N MET C 36 8.81 1.74 1.96
CA MET C 36 8.32 0.43 1.56
C MET C 36 9.44 -0.35 0.90
N ALA C 37 9.76 -1.50 1.47
CA ALA C 37 10.83 -2.34 0.95
C ALA C 37 10.29 -3.71 0.58
N ILE C 38 10.64 -4.18 -0.61
CA ILE C 38 10.38 -5.55 -1.00
C ILE C 38 11.72 -6.28 -0.94
N ILE C 39 11.81 -7.27 -0.04
CA ILE C 39 13.09 -7.93 0.21
C ILE C 39 12.97 -9.46 0.22
N ARG C 40 14.12 -10.12 0.32
CA ARG C 40 14.15 -11.58 0.46
C ARG C 40 13.59 -11.97 1.83
N PRO C 41 12.73 -12.99 1.86
CA PRO C 41 12.18 -13.46 3.13
C PRO C 41 13.24 -13.76 4.20
N ASP C 42 14.38 -14.34 3.78
CA ASP C 42 15.44 -14.72 4.72
C ASP C 42 16.29 -13.53 5.20
N LYS C 43 15.98 -12.33 4.70
CA LYS C 43 16.68 -11.12 5.12
C LYS C 43 15.87 -10.29 6.11
N LEU C 44 14.70 -10.78 6.50
CA LEU C 44 13.83 -10.05 7.42
C LEU C 44 14.46 -9.83 8.81
N ALA C 45 15.06 -10.88 9.35
CA ALA C 45 15.71 -10.81 10.66
C ALA C 45 16.77 -9.71 10.70
N ASP C 46 17.63 -9.68 9.68
CA ASP C 46 18.69 -8.68 9.57
C ASP C 46 18.13 -7.28 9.49
N VAL C 47 17.10 -7.11 8.65
CA VAL C 47 16.44 -5.83 8.45
C VAL C 47 15.82 -5.32 9.76
N LYS C 48 15.17 -6.22 10.50
CA LYS C 48 14.63 -5.88 11.82
C LYS C 48 15.69 -5.31 12.76
N THR C 49 16.83 -6.00 12.84
CA THR C 49 17.96 -5.55 13.66
C THR C 49 18.47 -4.18 13.20
N ALA C 50 18.67 -4.01 11.89
CA ALA C 50 19.13 -2.76 11.31
C ALA C 50 18.21 -1.58 11.63
N LEU C 51 16.90 -1.83 11.59
CA LEU C 51 15.89 -0.83 11.92
C LEU C 51 15.96 -0.40 13.38
N ALA C 52 16.17 -1.36 14.27
CA ALA C 52 16.34 -1.09 15.68
C ALA C 52 17.59 -0.24 15.92
N GLU C 53 18.68 -0.60 15.24
CA GLU C 53 19.98 0.06 15.41
C GLU C 53 19.99 1.50 14.89
N VAL C 54 19.19 1.76 13.85
CA VAL C 54 19.10 3.09 13.25
C VAL C 54 18.15 4.00 14.04
N GLY C 55 17.45 3.43 15.01
CA GLY C 55 16.56 4.19 15.88
C GLY C 55 15.10 4.28 15.43
N ALA C 56 14.74 3.54 14.39
CA ALA C 56 13.37 3.49 13.90
C ALA C 56 12.90 2.04 13.75
N PRO C 57 12.61 1.37 14.89
CA PRO C 57 12.33 -0.07 14.87
C PRO C 57 10.94 -0.47 14.35
N SER C 58 10.02 0.49 14.30
CA SER C 58 8.65 0.23 13.87
C SER C 58 8.57 -0.29 12.44
N LEU C 59 7.84 -1.38 12.23
CA LEU C 59 7.65 -1.96 10.91
C LEU C 59 6.38 -2.81 10.81
N THR C 60 5.86 -2.90 9.59
CA THR C 60 4.73 -3.78 9.26
C THR C 60 5.14 -4.69 8.11
N VAL C 61 4.97 -5.99 8.31
CA VAL C 61 5.46 -7.01 7.38
C VAL C 61 4.31 -7.75 6.69
N THR C 62 4.43 -7.91 5.37
CA THR C 62 3.48 -8.68 4.59
C THR C 62 4.22 -9.72 3.75
N ASN C 63 3.69 -10.94 3.72
CA ASN C 63 4.15 -11.96 2.80
C ASN C 63 3.60 -11.68 1.40
N VAL C 64 4.51 -11.55 0.44
CA VAL C 64 4.13 -11.20 -0.91
C VAL C 64 4.87 -12.06 -1.93
N SER C 65 4.51 -11.90 -3.20
CA SER C 65 5.24 -12.51 -4.28
C SER C 65 5.34 -11.51 -5.44
N GLY C 66 6.38 -11.65 -6.26
CA GLY C 66 6.54 -10.78 -7.42
C GLY C 66 7.62 -11.18 -8.40
N ARG C 67 7.92 -10.25 -9.31
CA ARG C 67 9.01 -10.40 -10.27
C ARG C 67 9.54 -9.02 -10.62
N GLY C 68 10.79 -8.97 -11.08
CA GLY C 68 11.43 -7.71 -11.46
C GLY C 68 11.38 -7.50 -12.97
N SER C 69 12.52 -7.11 -13.54
CA SER C 69 12.61 -6.81 -14.96
C SER C 69 12.69 -8.07 -15.83
N GLN C 70 12.80 -7.89 -17.14
CA GLN C 70 12.87 -8.99 -18.10
C GLN C 70 14.23 -9.70 -18.08
N ARG C 78 14.30 -18.06 -21.83
CA ARG C 78 14.17 -19.52 -21.81
C ARG C 78 13.54 -19.99 -20.50
N GLY C 79 12.61 -20.94 -20.61
CA GLY C 79 11.88 -21.46 -19.46
C GLY C 79 10.86 -20.46 -18.94
N GLU C 80 10.41 -20.67 -17.70
CA GLU C 80 9.39 -19.81 -17.09
C GLU C 80 9.94 -19.09 -15.85
N GLU C 81 11.18 -19.41 -15.47
CA GLU C 81 11.78 -18.97 -14.20
C GLU C 81 11.89 -17.46 -14.03
N TYR C 82 12.46 -16.78 -15.03
CA TYR C 82 12.68 -15.33 -14.96
C TYR C 82 11.92 -14.58 -16.04
N THR C 83 10.61 -14.85 -16.14
CA THR C 83 9.75 -14.24 -17.16
C THR C 83 8.26 -14.16 -16.75
N VAL C 84 7.75 -15.22 -16.12
CA VAL C 84 6.32 -15.35 -15.80
C VAL C 84 6.06 -15.65 -14.32
N ASP C 85 6.84 -16.57 -13.75
CA ASP C 85 6.63 -17.07 -12.38
C ASP C 85 6.85 -16.02 -11.31
N LEU C 86 6.14 -16.15 -10.19
CA LEU C 86 6.28 -15.21 -9.08
C LEU C 86 7.10 -15.79 -7.92
N HIS C 87 8.05 -15.00 -7.44
CA HIS C 87 8.94 -15.42 -6.35
C HIS C 87 8.48 -14.84 -5.02
N GLN C 88 8.57 -15.66 -3.97
CA GLN C 88 8.14 -15.25 -2.64
C GLN C 88 9.04 -14.14 -2.09
N LYS C 89 8.41 -13.06 -1.63
CA LYS C 89 9.13 -11.93 -1.05
C LYS C 89 8.43 -11.44 0.22
N VAL C 90 9.08 -10.52 0.92
CA VAL C 90 8.51 -9.88 2.09
C VAL C 90 8.44 -8.37 1.84
N LYS C 91 7.27 -7.78 2.08
CA LYS C 91 7.11 -6.34 2.03
C LYS C 91 7.22 -5.75 3.44
N VAL C 92 8.23 -4.89 3.63
CA VAL C 92 8.44 -4.20 4.90
C VAL C 92 8.03 -2.75 4.76
N GLU C 93 7.14 -2.31 5.65
CA GLU C 93 6.69 -0.91 5.65
C GLU C 93 7.02 -0.20 6.96
N CYS C 94 7.71 0.94 6.83
CA CYS C 94 8.08 1.76 7.98
C CYS C 94 7.63 3.19 7.71
N VAL C 95 6.79 3.71 8.60
CA VAL C 95 6.39 5.11 8.54
C VAL C 95 7.26 5.90 9.50
N VAL C 96 7.91 6.93 8.98
CA VAL C 96 8.94 7.64 9.73
C VAL C 96 8.68 9.15 9.82
N ALA C 97 9.18 9.75 10.88
CA ALA C 97 9.14 11.19 11.05
C ALA C 97 10.43 11.70 11.68
N ASP C 98 10.79 11.14 12.84
CA ASP C 98 11.98 11.55 13.59
C ASP C 98 13.28 11.10 12.94
N THR C 99 13.20 10.02 12.16
CA THR C 99 14.37 9.49 11.46
C THR C 99 14.22 9.81 9.98
N PRO C 100 15.29 10.35 9.36
CA PRO C 100 15.27 10.62 7.91
C PRO C 100 14.95 9.37 7.12
N ALA C 101 13.95 9.46 6.25
CA ALA C 101 13.50 8.34 5.43
C ALA C 101 14.65 7.64 4.72
N GLU C 102 15.60 8.42 4.22
CA GLU C 102 16.76 7.88 3.49
C GLU C 102 17.66 7.02 4.37
N ASP C 103 17.79 7.41 5.64
CA ASP C 103 18.58 6.63 6.59
C ASP C 103 17.92 5.30 6.93
N VAL C 104 16.59 5.30 7.04
CA VAL C 104 15.82 4.08 7.26
C VAL C 104 15.95 3.17 6.04
N ALA C 105 15.75 3.75 4.85
CA ALA C 105 15.91 3.02 3.60
C ALA C 105 17.32 2.45 3.43
N ASP C 106 18.34 3.24 3.74
CA ASP C 106 19.73 2.77 3.67
C ASP C 106 20.03 1.64 4.65
N ALA C 107 19.41 1.69 5.83
CA ALA C 107 19.54 0.64 6.83
C ALA C 107 18.94 -0.67 6.34
N ILE C 108 17.76 -0.59 5.73
CA ILE C 108 17.11 -1.74 5.12
C ILE C 108 17.93 -2.27 3.93
N ALA C 109 18.33 -1.38 3.03
CA ALA C 109 19.11 -1.76 1.84
C ALA C 109 20.38 -2.52 2.22
N ASP C 110 21.14 -1.95 3.16
CA ASP C 110 22.39 -2.57 3.63
C ASP C 110 22.14 -3.98 4.15
N ALA C 111 21.13 -4.13 5.01
CA ALA C 111 20.83 -5.41 5.66
C ALA C 111 20.25 -6.43 4.69
N ALA C 112 19.57 -5.95 3.64
CA ALA C 112 18.91 -6.83 2.67
C ALA C 112 19.78 -7.18 1.46
N HIS C 113 20.92 -6.49 1.35
CA HIS C 113 21.82 -6.64 0.22
C HIS C 113 22.54 -8.00 0.19
N THR C 114 22.61 -8.60 -0.98
CA THR C 114 23.43 -9.79 -1.22
C THR C 114 24.30 -9.59 -2.46
N GLY C 115 23.84 -8.74 -3.38
CA GLY C 115 24.54 -8.46 -4.63
C GLY C 115 24.05 -9.29 -5.81
N GLU C 116 22.98 -10.05 -5.59
CA GLU C 116 22.41 -10.95 -6.61
C GLU C 116 21.00 -10.51 -6.97
N LYS C 117 20.57 -10.85 -8.19
CA LYS C 117 19.22 -10.56 -8.67
C LYS C 117 18.17 -11.15 -7.73
N GLY C 118 17.20 -10.33 -7.35
CA GLY C 118 16.17 -10.72 -6.39
C GLY C 118 16.24 -9.99 -5.06
N ASP C 119 17.24 -9.11 -4.90
CA ASP C 119 17.45 -8.35 -3.67
C ASP C 119 16.32 -7.38 -3.36
N GLY C 120 15.54 -7.03 -4.39
CA GLY C 120 14.38 -6.16 -4.21
C GLY C 120 14.65 -4.67 -4.32
N LYS C 121 13.67 -3.88 -3.90
CA LYS C 121 13.73 -2.43 -4.02
C LYS C 121 13.07 -1.74 -2.84
N ILE C 122 13.45 -0.48 -2.63
CA ILE C 122 12.87 0.33 -1.57
C ILE C 122 12.28 1.58 -2.19
N PHE C 123 11.05 1.89 -1.79
CA PHE C 123 10.36 3.07 -2.28
C PHE C 123 9.95 3.94 -1.11
N ILE C 124 10.08 5.25 -1.29
CA ILE C 124 9.68 6.22 -0.28
C ILE C 124 8.51 7.07 -0.79
N LEU C 125 7.38 6.96 -0.09
CA LEU C 125 6.16 7.66 -0.45
C LEU C 125 5.81 8.74 0.57
N PRO C 126 5.24 9.87 0.12
CA PRO C 126 4.83 10.91 1.07
C PRO C 126 3.64 10.47 1.90
N VAL C 127 3.62 10.89 3.16
CA VAL C 127 2.47 10.68 4.05
C VAL C 127 2.02 12.04 4.55
N GLU C 128 0.73 12.33 4.42
CA GLU C 128 0.16 13.62 4.80
C GLU C 128 -0.09 13.77 6.30
N ASN C 129 -0.62 12.72 6.91
CA ASN C 129 -1.16 12.80 8.25
C ASN C 129 -1.16 11.41 8.89
N ALA C 130 -1.18 11.38 10.21
CA ALA C 130 -1.13 10.13 10.94
C ALA C 130 -1.94 10.26 12.22
N ILE C 131 -2.39 9.13 12.74
CA ILE C 131 -3.09 9.07 14.00
C ILE C 131 -2.58 7.89 14.83
N GLN C 132 -2.18 8.17 16.07
CA GLN C 132 -1.86 7.12 17.02
C GLN C 132 -3.17 6.67 17.66
N VAL C 133 -3.55 5.42 17.42
CA VAL C 133 -4.87 4.91 17.83
C VAL C 133 -5.06 4.89 19.34
N ARG C 134 -4.00 4.57 20.08
CA ARG C 134 -4.07 4.49 21.54
C ARG C 134 -4.36 5.83 22.22
N THR C 135 -3.75 6.90 21.71
CA THR C 135 -3.80 8.21 22.38
C THR C 135 -4.65 9.23 21.66
N GLY C 136 -4.80 9.08 20.34
CA GLY C 136 -5.48 10.06 19.52
C GLY C 136 -4.58 11.22 19.13
N LYS C 137 -3.27 11.05 19.32
CA LYS C 137 -2.28 12.03 18.90
C LYS C 137 -2.18 11.98 17.37
N THR C 138 -1.95 13.14 16.76
CA THR C 138 -1.97 13.28 15.30
C THR C 138 -0.70 13.95 14.77
N GLY C 139 -0.54 13.97 13.45
CA GLY C 139 0.61 14.62 12.82
C GLY C 139 1.89 13.85 13.09
N ARG C 140 3.03 14.46 12.83
CA ARG C 140 4.33 13.78 12.99
C ARG C 140 4.55 13.17 14.38
N ASP C 141 3.94 13.78 15.40
CA ASP C 141 3.99 13.28 16.78
C ASP C 141 3.34 11.91 16.97
N ALA C 142 2.43 11.54 16.06
CA ALA C 142 1.73 10.26 16.12
C ALA C 142 2.62 9.09 15.68
N VAL C 143 3.64 9.41 14.90
CA VAL C 143 4.56 8.41 14.37
C VAL C 143 5.67 8.12 15.37
PG ATP D . -18.63 -1.37 -8.33
O1G ATP D . -19.97 -0.98 -7.75
O2G ATP D . -17.52 -0.40 -8.01
O3G ATP D . -18.66 -1.77 -9.79
PB ATP D . -18.09 -2.92 -5.96
O1B ATP D . -18.05 -1.54 -5.35
O2B ATP D . -19.08 -3.94 -5.46
O3B ATP D . -18.24 -2.75 -7.56
PA ATP D . -15.39 -3.07 -6.59
O1A ATP D . -15.46 -1.56 -6.57
O2A ATP D . -15.28 -3.82 -7.90
O3A ATP D . -16.65 -3.63 -5.78
O5' ATP D . -14.16 -3.49 -5.64
C5' ATP D . -13.75 -4.84 -5.45
C4' ATP D . -12.62 -4.81 -4.44
O4' ATP D . -11.80 -3.65 -4.62
C3' ATP D . -13.15 -4.70 -3.02
O3' ATP D . -13.36 -5.99 -2.46
C2' ATP D . -12.11 -3.89 -2.28
O2' ATP D . -11.11 -4.73 -1.71
C1' ATP D . -11.45 -3.06 -3.36
N9 ATP D . -11.91 -1.65 -3.24
C8 ATP D . -12.90 -1.06 -3.95
N7 ATP D . -13.06 0.24 -3.59
C5 ATP D . -12.16 0.51 -2.63
C6 ATP D . -11.79 1.70 -1.81
N6 ATP D . -12.45 2.87 -1.96
N1 ATP D . -10.80 1.56 -0.91
C2 ATP D . -10.15 0.38 -0.76
N3 ATP D . -10.42 -0.72 -1.46
C4 ATP D . -11.41 -0.73 -2.40
S SO4 E . -0.02 -5.11 1.46
O1 SO4 E . 0.26 -3.70 1.17
O2 SO4 E . 0.25 -5.37 2.89
O3 SO4 E . 0.88 -5.93 0.61
O4 SO4 E . -1.44 -5.40 1.13
S SO4 F . 0.59 -0.80 0.52
O1 SO4 F . 0.76 0.61 0.11
O2 SO4 F . -0.73 -1.30 0.05
O3 SO4 F . 1.67 -1.62 -0.08
O4 SO4 F . 0.65 -0.92 1.99
S SO4 G . 2.46 11.15 -18.29
O1 SO4 G . 3.52 10.13 -18.39
O2 SO4 G . 1.17 10.56 -18.70
O3 SO4 G . 2.34 11.62 -16.90
O4 SO4 G . 2.78 12.29 -19.17
PG ATP H . 2.20 2.32 21.39
O1G ATP H . 2.48 3.78 21.18
O2G ATP H . 0.80 1.90 20.97
O3G ATP H . 2.62 1.80 22.74
PB ATP H . 3.30 -0.06 20.20
O1B ATP H . 4.75 -0.46 20.32
O2B ATP H . 2.27 -0.72 21.08
O3B ATP H . 3.19 1.55 20.36
PA ATP H . 1.54 0.38 18.04
O1A ATP H . 1.87 1.83 17.79
O2A ATP H . 0.35 0.00 18.87
O3A ATP H . 2.86 -0.34 18.67
O5' ATP H . 1.42 -0.35 16.61
C5' ATP H . 1.05 -1.72 16.47
C4' ATP H . 1.28 -2.18 15.04
O4' ATP H . 1.12 -1.10 14.10
C3' ATP H . 2.69 -2.69 14.84
O3' ATP H . 2.74 -4.11 15.05
C2' ATP H . 3.04 -2.32 13.41
O2' ATP H . 2.71 -3.38 12.51
C1' ATP H . 2.17 -1.12 13.12
N9 ATP H . 2.95 0.15 13.16
C8 ATP H . 2.99 1.01 14.19
N7 ATP H . 3.80 2.07 13.93
C5 ATP H . 4.31 1.89 12.69
C6 ATP H . 5.22 2.63 11.79
N6 ATP H . 5.79 3.80 12.16
N1 ATP H . 5.49 2.09 10.57
C2 ATP H . 4.93 0.93 10.18
N3 ATP H . 4.10 0.21 10.95
C4 ATP H . 3.74 0.62 12.19
PG ATP I . 17.49 -6.74 -11.01
O1G ATP I . 17.21 -6.58 -12.48
O2G ATP I . 16.79 -5.72 -10.14
O3G ATP I . 18.96 -6.92 -10.66
PB ATP I . 15.24 -8.34 -10.36
O1B ATP I . 14.80 -9.77 -10.58
O2B ATP I . 14.55 -7.21 -11.08
O3B ATP I . 16.82 -8.17 -10.64
PA ATP I . 14.00 -7.15 -8.20
O1A ATP I . 14.52 -5.74 -8.24
O2A ATP I . 12.75 -7.49 -8.96
O3A ATP I . 15.16 -8.10 -8.76
O5' ATP I . 13.70 -7.64 -6.71
C5' ATP I . 12.77 -8.71 -6.50
C4' ATP I . 11.38 -8.24 -6.06
O4' ATP I . 11.25 -6.82 -5.94
C3' ATP I . 10.32 -8.66 -7.05
O3' ATP I . 9.85 -9.97 -6.75
C2' ATP I . 9.21 -7.64 -6.88
O2' ATP I . 8.21 -8.11 -5.96
C1' ATP I . 9.90 -6.42 -6.25
N9 ATP I . 9.92 -5.32 -7.24
C8 ATP I . 10.99 -4.94 -7.98
N7 ATP I . 10.69 -3.89 -8.78
C5 ATP I . 9.41 -3.57 -8.56
C6 ATP I . 8.47 -2.55 -9.07
N6 ATP I . 8.86 -1.65 -10.01
N1 ATP I . 7.21 -2.56 -8.58
C2 ATP I . 6.80 -3.45 -7.65
N3 ATP I . 7.62 -4.40 -7.14
C4 ATP I . 8.90 -4.52 -7.54
#